data_5SBY
#
_entry.id   5SBY
#
_cell.length_a   31.106
_cell.length_b   81.525
_cell.length_c   32.052
_cell.angle_alpha   90.000
_cell.angle_beta   117.850
_cell.angle_gamma   90.000
#
_symmetry.space_group_name_H-M   'P 1 21 1'
#
loop_
_entity.id
_entity.type
_entity.pdbx_description
1 polymer 'CD44 antigen'
2 non-polymer (1R,2R)-2,4,4-trimethyl-N-[(1H-pyrazol-3-yl)methyl]cyclopentan-1-amine
3 non-polymer DI(HYDROXYETHYL)ETHER
4 non-polymer 'DIMETHYL SULFOXIDE'
5 non-polymer 1,2-ETHANEDIOL
6 water water
#
_entity_poly.entity_id   1
_entity_poly.type   'polypeptide(L)'
_entity_poly.pdbx_seq_one_letter_code
;MNQIDLNVTCRYAGVFHVEKNGRYSISRTEAADLCQAFNSTLPTMDQMKLALSKGFETCRYGFIEGNVVIPRIHPNAICA
ANHTGVYILVTSNTSHYDTYCFNASAPPEEDCTSVTDLPNSFDGPVTITIVNRDGTRYSKKGEYRTHQEDID
;
_entity_poly.pdbx_strand_id   A
#
# COMPACT_ATOMS: atom_id res chain seq x y z
N ASN A 2 -10.02 -18.81 -5.15
CA ASN A 2 -8.65 -18.32 -5.03
C ASN A 2 -8.55 -16.92 -5.61
N GLN A 3 -8.97 -15.92 -4.80
CA GLN A 3 -9.01 -14.53 -5.25
C GLN A 3 -8.46 -13.55 -4.22
N ILE A 4 -7.74 -12.53 -4.73
CA ILE A 4 -7.20 -11.48 -3.85
C ILE A 4 -7.59 -10.16 -4.47
N ASP A 5 -8.20 -9.27 -3.69
N ASP A 5 -8.15 -9.26 -3.66
CA ASP A 5 -8.57 -7.92 -4.11
CA ASP A 5 -8.46 -7.92 -4.12
C ASP A 5 -7.53 -6.96 -3.51
C ASP A 5 -7.52 -6.93 -3.49
N LEU A 6 -6.96 -6.07 -4.31
CA LEU A 6 -5.97 -5.09 -3.81
C LEU A 6 -6.51 -3.73 -4.14
N ASN A 7 -6.96 -2.98 -3.14
CA ASN A 7 -7.47 -1.63 -3.35
C ASN A 7 -6.27 -0.72 -3.27
N VAL A 8 -6.07 0.13 -4.27
CA VAL A 8 -4.91 1.02 -4.34
C VAL A 8 -5.37 2.49 -4.42
N THR A 9 -4.45 3.39 -4.10
CA THR A 9 -4.75 4.84 -4.08
C THR A 9 -3.97 5.55 -5.16
N CYS A 10 -4.24 6.88 -5.26
CA CYS A 10 -3.35 7.84 -5.92
C CYS A 10 -1.93 7.62 -5.39
N ARG A 11 -0.95 8.01 -6.20
CA ARG A 11 0.43 8.09 -5.76
C ARG A 11 0.79 9.54 -5.46
N TYR A 12 1.57 9.74 -4.42
CA TYR A 12 2.06 11.09 -4.05
C TYR A 12 3.55 10.98 -3.93
N ALA A 13 4.32 11.63 -4.83
CA ALA A 13 5.76 11.47 -4.83
C ALA A 13 6.15 9.96 -4.83
N GLY A 14 5.38 9.19 -5.60
CA GLY A 14 5.62 7.75 -5.74
C GLY A 14 5.05 6.86 -4.65
N VAL A 15 4.53 7.42 -3.55
CA VAL A 15 4.03 6.59 -2.46
C VAL A 15 2.54 6.35 -2.62
N PHE A 16 2.10 5.12 -2.34
CA PHE A 16 0.68 4.79 -2.44
C PHE A 16 0.32 3.78 -1.37
N HIS A 17 -0.97 3.61 -1.15
CA HIS A 17 -1.50 2.67 -0.15
C HIS A 17 -2.18 1.51 -0.86
N VAL A 18 -1.98 0.31 -0.27
CA VAL A 18 -2.58 -0.93 -0.76
C VAL A 18 -3.28 -1.62 0.41
N GLU A 19 -4.58 -1.92 0.23
CA GLU A 19 -5.35 -2.67 1.24
C GLU A 19 -5.75 -3.98 0.59
N LYS A 20 -5.56 -5.10 1.31
CA LYS A 20 -5.87 -6.42 0.78
CA LYS A 20 -5.88 -6.40 0.76
C LYS A 20 -7.17 -6.94 1.33
N ASN A 21 -8.08 -7.30 0.43
CA ASN A 21 -9.35 -7.94 0.79
C ASN A 21 -10.21 -7.14 1.76
N GLY A 22 -10.09 -5.84 1.71
CA GLY A 22 -10.91 -4.95 2.50
C GLY A 22 -10.77 -5.06 3.99
N ARG A 23 -9.67 -5.63 4.46
CA ARG A 23 -9.42 -5.76 5.90
C ARG A 23 -7.93 -5.59 6.15
N TYR A 24 -7.53 -5.29 7.42
CA TYR A 24 -6.10 -5.33 7.80
C TYR A 24 -5.68 -6.80 7.69
N SER A 25 -4.84 -7.13 6.73
CA SER A 25 -4.56 -8.56 6.47
C SER A 25 -3.20 -8.88 5.89
N ILE A 26 -2.29 -7.93 5.94
CA ILE A 26 -0.98 -8.11 5.35
C ILE A 26 0.07 -8.19 6.44
N SER A 27 0.93 -9.22 6.40
CA SER A 27 2.06 -9.27 7.32
C SER A 27 3.22 -8.42 6.78
N ARG A 28 4.26 -8.19 7.57
CA ARG A 28 5.41 -7.41 7.06
CA ARG A 28 5.41 -7.43 7.10
C ARG A 28 6.09 -8.12 5.88
N THR A 29 6.22 -9.44 5.92
CA THR A 29 6.86 -10.16 4.79
C THR A 29 5.99 -10.09 3.54
N GLU A 30 4.65 -10.21 3.71
CA GLU A 30 3.74 -10.14 2.56
C GLU A 30 3.77 -8.73 1.97
N ALA A 31 3.92 -7.72 2.82
CA ALA A 31 3.94 -6.32 2.37
C ALA A 31 5.11 -6.09 1.41
N ALA A 32 6.29 -6.61 1.76
CA ALA A 32 7.47 -6.44 0.93
C ALA A 32 7.26 -7.12 -0.42
N ASP A 33 6.63 -8.32 -0.40
CA ASP A 33 6.36 -9.06 -1.66
C ASP A 33 5.32 -8.35 -2.49
N LEU A 34 4.30 -7.78 -1.84
CA LEU A 34 3.27 -7.07 -2.55
CA LEU A 34 3.24 -7.05 -2.52
C LEU A 34 3.84 -5.83 -3.22
N CYS A 35 4.66 -5.04 -2.50
CA CYS A 35 5.25 -3.86 -3.16
C CYS A 35 6.14 -4.29 -4.31
N GLN A 36 6.92 -5.39 -4.17
CA GLN A 36 7.77 -5.87 -5.27
CA GLN A 36 7.77 -5.88 -5.27
C GLN A 36 6.93 -6.21 -6.50
N ALA A 37 5.71 -6.73 -6.30
CA ALA A 37 4.82 -7.04 -7.44
C ALA A 37 4.38 -5.78 -8.21
N PHE A 38 4.39 -4.60 -7.53
CA PHE A 38 4.13 -3.32 -8.18
C PHE A 38 5.46 -2.66 -8.60
N ASN A 39 6.59 -3.42 -8.69
CA ASN A 39 7.89 -2.82 -9.02
CA ASN A 39 7.89 -2.84 -9.01
C ASN A 39 8.23 -1.71 -8.04
N SER A 40 7.86 -1.90 -6.78
CA SER A 40 7.99 -0.90 -5.74
C SER A 40 8.65 -1.45 -4.48
N THR A 41 8.93 -0.57 -3.53
CA THR A 41 9.55 -0.98 -2.28
C THR A 41 8.74 -0.41 -1.14
N LEU A 42 8.97 -0.88 0.10
CA LEU A 42 8.32 -0.25 1.26
CA LEU A 42 8.33 -0.26 1.28
C LEU A 42 8.95 1.14 1.39
N PRO A 43 8.14 2.22 1.55
CA PRO A 43 8.74 3.55 1.63
C PRO A 43 9.64 3.70 2.84
N THR A 44 10.66 4.54 2.74
CA THR A 44 11.37 4.98 3.92
C THR A 44 10.50 6.04 4.60
N MET A 45 10.83 6.38 5.85
CA MET A 45 10.14 7.44 6.56
C MET A 45 10.33 8.78 5.79
N ASP A 46 11.52 9.07 5.24
CA ASP A 46 11.72 10.30 4.47
C ASP A 46 10.86 10.33 3.20
N GLN A 47 10.75 9.19 2.49
CA GLN A 47 9.86 9.15 1.31
C GLN A 47 8.40 9.42 1.71
N MET A 48 7.97 8.84 2.84
CA MET A 48 6.60 9.03 3.30
C MET A 48 6.37 10.49 3.70
N LYS A 49 7.35 11.10 4.39
CA LYS A 49 7.20 12.52 4.76
C LYS A 49 7.06 13.40 3.54
N LEU A 50 7.85 13.11 2.47
CA LEU A 50 7.70 13.94 1.26
C LEU A 50 6.32 13.73 0.61
N ALA A 51 5.86 12.47 0.56
CA ALA A 51 4.51 12.18 0.01
C ALA A 51 3.44 12.95 0.79
N LEU A 52 3.52 12.94 2.13
CA LEU A 52 2.61 13.70 2.97
CA LEU A 52 2.57 13.69 2.93
C LEU A 52 2.61 15.18 2.58
N SER A 53 3.80 15.74 2.37
CA SER A 53 3.92 17.16 2.03
C SER A 53 3.26 17.50 0.68
N LYS A 54 3.12 16.52 -0.22
CA LYS A 54 2.45 16.70 -1.50
C LYS A 54 0.96 16.45 -1.47
N GLY A 55 0.41 16.01 -0.34
CA GLY A 55 -1.04 15.82 -0.27
C GLY A 55 -1.53 14.44 0.13
N PHE A 56 -0.61 13.53 0.47
CA PHE A 56 -1.01 12.16 0.85
C PHE A 56 -1.51 12.04 2.27
N GLU A 57 -2.72 11.51 2.43
CA GLU A 57 -3.18 11.11 3.74
C GLU A 57 -4.13 9.93 3.62
N THR A 58 -4.17 9.09 4.65
CA THR A 58 -5.12 7.97 4.67
C THR A 58 -5.71 7.89 6.07
N CYS A 59 -6.65 6.95 6.27
CA CYS A 59 -7.15 6.69 7.60
C CYS A 59 -6.90 5.23 7.94
N ARG A 60 -5.72 4.68 7.53
CA ARG A 60 -5.43 3.26 7.72
C ARG A 60 -4.01 3.06 8.10
N TYR A 61 -3.80 2.13 9.03
CA TYR A 61 -2.42 1.77 9.39
C TYR A 61 -1.80 0.98 8.26
N GLY A 62 -0.55 1.30 7.92
CA GLY A 62 0.14 0.48 6.92
C GLY A 62 1.63 0.47 7.13
N PHE A 63 2.28 -0.63 6.71
CA PHE A 63 3.74 -0.68 6.84
C PHE A 63 4.45 0.32 5.95
N ILE A 64 5.51 0.86 6.50
CA ILE A 64 6.59 1.46 5.75
C ILE A 64 7.83 0.64 6.17
N GLU A 65 9.02 1.01 5.74
CA GLU A 65 10.24 0.36 6.18
CA GLU A 65 10.22 0.33 6.19
C GLU A 65 10.42 0.76 7.65
N GLY A 66 10.42 -0.18 8.51
CA GLY A 66 10.69 0.04 9.92
C GLY A 66 9.53 0.31 10.83
N ASN A 67 8.39 0.84 10.33
CA ASN A 67 7.29 1.16 11.22
C ASN A 67 5.95 0.94 10.55
N VAL A 68 4.88 1.03 11.33
CA VAL A 68 3.50 1.00 10.86
C VAL A 68 2.96 2.41 11.10
N VAL A 69 2.43 3.07 10.04
CA VAL A 69 2.10 4.50 10.16
C VAL A 69 0.76 4.84 9.52
N ILE A 70 0.29 6.07 9.80
CA ILE A 70 -0.85 6.66 9.11
C ILE A 70 -0.41 8.08 8.76
N PRO A 71 -0.33 8.44 7.46
CA PRO A 71 -0.02 9.85 7.11
C PRO A 71 -1.28 10.70 7.26
N ARG A 72 -1.18 11.82 8.00
CA ARG A 72 -2.35 12.67 8.25
C ARG A 72 -2.06 14.13 7.97
N ILE A 73 -2.89 14.72 7.16
CA ILE A 73 -2.80 16.14 6.90
C ILE A 73 -3.83 16.89 7.74
N HIS A 74 -5.10 16.47 7.68
CA HIS A 74 -6.19 17.16 8.38
C HIS A 74 -6.53 16.40 9.66
N PRO A 75 -6.59 17.06 10.82
CA PRO A 75 -6.96 16.36 12.05
C PRO A 75 -8.35 15.73 11.97
N ASN A 76 -8.46 14.46 12.33
CA ASN A 76 -9.74 13.77 12.36
C ASN A 76 -9.70 12.86 13.58
N ALA A 77 -10.72 12.96 14.45
CA ALA A 77 -10.75 12.18 15.67
C ALA A 77 -10.69 10.68 15.47
N ILE A 78 -11.23 10.18 14.34
CA ILE A 78 -11.25 8.74 14.11
C ILE A 78 -10.10 8.24 13.20
N CYS A 79 -9.10 9.08 12.92
CA CYS A 79 -7.94 8.69 12.13
C CYS A 79 -6.70 9.14 12.88
N ALA A 80 -5.95 8.23 13.50
CA ALA A 80 -4.75 8.56 14.25
C ALA A 80 -5.04 9.54 15.38
N ALA A 81 -6.24 9.44 15.98
CA ALA A 81 -6.65 10.24 17.13
C ALA A 81 -6.31 11.73 17.04
N ASN A 82 -6.73 12.37 15.92
CA ASN A 82 -6.55 13.81 15.68
C ASN A 82 -5.12 14.26 15.43
N HIS A 83 -4.16 13.34 15.28
CA HIS A 83 -2.79 13.75 15.03
C HIS A 83 -2.62 14.16 13.56
N THR A 84 -1.59 14.97 13.31
CA THR A 84 -1.18 15.32 11.95
C THR A 84 0.27 14.85 11.81
N GLY A 85 0.73 14.79 10.56
CA GLY A 85 2.06 14.31 10.28
C GLY A 85 2.04 12.83 10.03
N VAL A 86 3.22 12.22 10.01
CA VAL A 86 3.29 10.76 9.83
C VAL A 86 3.11 10.14 11.22
N TYR A 87 1.91 9.70 11.54
CA TYR A 87 1.63 9.12 12.86
C TYR A 87 2.20 7.73 12.91
N ILE A 88 2.98 7.45 13.94
CA ILE A 88 3.62 6.13 14.09
C ILE A 88 2.88 5.32 15.13
N LEU A 89 2.47 4.09 14.78
CA LEU A 89 1.83 3.20 15.73
C LEU A 89 2.91 2.74 16.70
N VAL A 90 2.62 2.90 18.01
CA VAL A 90 3.60 2.53 19.03
C VAL A 90 3.26 1.21 19.69
N THR A 91 1.99 1.00 20.13
CA THR A 91 1.64 -0.19 20.85
C THR A 91 0.48 -0.92 20.20
N SER A 92 0.72 -2.17 19.84
CA SER A 92 -0.34 -3.02 19.29
C SER A 92 -0.04 -4.46 19.64
N ASN A 93 -1.10 -5.26 19.88
CA ASN A 93 -0.87 -6.67 20.09
C ASN A 93 -0.57 -7.44 18.81
N THR A 94 -1.06 -6.90 17.64
CA THR A 94 -1.23 -7.65 16.39
C THR A 94 -0.31 -7.24 15.29
N SER A 95 -0.18 -8.11 14.28
CA SER A 95 0.89 -8.01 13.31
C SER A 95 0.45 -7.71 11.88
N HIS A 96 -0.86 -7.62 11.59
CA HIS A 96 -1.34 -7.48 10.18
C HIS A 96 -1.99 -6.16 9.94
N TYR A 97 -1.51 -5.50 8.89
CA TYR A 97 -2.02 -4.15 8.62
C TYR A 97 -2.24 -4.02 7.10
N ASP A 98 -2.38 -2.80 6.60
CA ASP A 98 -2.33 -2.60 5.13
C ASP A 98 -0.83 -2.31 4.83
N THR A 99 -0.47 -1.91 3.58
CA THR A 99 0.92 -1.50 3.33
C THR A 99 0.93 -0.25 2.53
N TYR A 100 2.03 0.47 2.65
CA TYR A 100 2.40 1.52 1.72
C TYR A 100 3.46 0.94 0.81
N CYS A 101 3.59 1.52 -0.41
CA CYS A 101 4.59 1.13 -1.39
C CYS A 101 5.11 2.39 -2.01
N PHE A 102 6.35 2.32 -2.53
CA PHE A 102 6.95 3.48 -3.18
C PHE A 102 7.52 3.05 -4.53
N ASN A 103 7.11 3.75 -5.57
CA ASN A 103 7.60 3.48 -6.93
C ASN A 103 8.38 4.70 -7.41
N ALA A 104 9.66 4.55 -7.59
CA ALA A 104 10.56 5.67 -7.94
C ALA A 104 10.31 6.25 -9.31
N SER A 105 9.63 5.52 -10.21
CA SER A 105 9.40 6.01 -11.55
CA SER A 105 9.40 6.05 -11.56
C SER A 105 8.09 6.79 -11.68
N ALA A 106 7.28 6.88 -10.60
CA ALA A 106 6.03 7.59 -10.64
C ALA A 106 6.28 9.11 -10.73
N PRO A 107 5.23 9.88 -10.97
CA PRO A 107 5.42 11.35 -11.00
C PRO A 107 5.83 11.97 -9.67
N PRO A 108 6.46 13.16 -9.69
CA PRO A 108 7.01 13.72 -8.45
C PRO A 108 5.98 14.20 -7.46
N GLU A 109 4.76 14.53 -7.93
CA GLU A 109 3.79 15.09 -7.03
C GLU A 109 2.55 14.20 -6.99
N GLU A 110 1.34 14.75 -7.11
CA GLU A 110 0.14 13.94 -7.05
C GLU A 110 -0.13 13.28 -8.36
N ASP A 111 -0.36 11.97 -8.33
CA ASP A 111 -0.75 11.22 -9.50
C ASP A 111 -2.01 10.46 -9.15
N CYS A 112 -3.16 11.03 -9.51
CA CYS A 112 -4.43 10.40 -9.22
C CYS A 112 -5.02 9.72 -10.44
N THR A 113 -4.16 9.21 -11.34
CA THR A 113 -4.63 8.33 -12.39
C THR A 113 -4.78 6.93 -11.78
N SER A 114 -5.53 6.09 -12.47
CA SER A 114 -5.76 4.73 -12.00
C SER A 114 -4.59 3.81 -12.32
N VAL A 115 -4.51 2.70 -11.58
CA VAL A 115 -3.50 1.68 -11.76
C VAL A 115 -4.14 0.55 -12.56
N THR A 116 -3.51 0.17 -13.67
CA THR A 116 -4.10 -0.82 -14.59
C THR A 116 -3.24 -2.07 -14.74
N ASP A 117 -2.37 -2.40 -13.76
CA ASP A 117 -1.54 -3.61 -13.83
C ASP A 117 -0.76 -3.88 -12.53
N LEU A 118 -0.35 -5.15 -12.30
CA LEU A 118 0.54 -5.63 -11.22
C LEU A 118 1.66 -6.17 -12.09
N PRO A 119 2.60 -5.31 -12.50
CA PRO A 119 3.53 -5.69 -13.56
C PRO A 119 4.55 -6.75 -13.24
N ASN A 120 4.87 -6.90 -11.97
CA ASN A 120 5.90 -7.85 -11.57
C ASN A 120 5.33 -9.04 -10.82
N SER A 121 4.05 -9.36 -11.04
CA SER A 121 3.47 -10.55 -10.43
C SER A 121 4.09 -11.78 -11.09
N PHE A 122 4.13 -12.87 -10.36
CA PHE A 122 4.68 -14.12 -10.86
C PHE A 122 3.59 -14.97 -11.46
N ASP A 123 3.98 -16.08 -12.11
CA ASP A 123 3.00 -17.04 -12.57
C ASP A 123 2.36 -17.68 -11.31
N GLY A 124 1.08 -17.94 -11.41
CA GLY A 124 0.38 -18.57 -10.28
C GLY A 124 -1.08 -18.73 -10.51
N PRO A 125 -1.77 -19.31 -9.53
CA PRO A 125 -3.19 -19.66 -9.74
C PRO A 125 -4.22 -18.70 -9.18
N VAL A 126 -3.79 -17.63 -8.51
CA VAL A 126 -4.73 -16.73 -7.84
C VAL A 126 -5.27 -15.68 -8.80
N THR A 127 -6.56 -15.37 -8.74
CA THR A 127 -7.10 -14.25 -9.50
C THR A 127 -6.86 -13.00 -8.65
N ILE A 128 -6.00 -12.11 -9.13
CA ILE A 128 -5.66 -10.90 -8.40
C ILE A 128 -6.32 -9.75 -9.09
N THR A 129 -7.13 -9.00 -8.35
CA THR A 129 -7.80 -7.85 -8.92
C THR A 129 -7.34 -6.58 -8.28
N ILE A 130 -6.85 -5.63 -9.11
CA ILE A 130 -6.49 -4.30 -8.64
CA ILE A 130 -6.48 -4.31 -8.64
C ILE A 130 -7.76 -3.49 -8.73
N VAL A 131 -8.14 -2.88 -7.62
CA VAL A 131 -9.32 -2.05 -7.54
C VAL A 131 -8.93 -0.62 -7.23
N ASN A 132 -9.29 0.30 -8.09
CA ASN A 132 -9.02 1.71 -7.86
C ASN A 132 -10.13 2.36 -7.07
N ARG A 133 -9.89 3.55 -6.51
CA ARG A 133 -10.89 4.25 -5.72
CA ARG A 133 -10.90 4.23 -5.73
C ARG A 133 -12.11 4.62 -6.60
N ASP A 134 -11.86 4.88 -7.89
CA ASP A 134 -12.96 5.16 -8.81
C ASP A 134 -13.67 3.91 -9.34
N GLY A 135 -13.29 2.74 -8.82
CA GLY A 135 -13.95 1.48 -9.10
C GLY A 135 -13.37 0.74 -10.27
N THR A 136 -12.52 1.40 -11.08
CA THR A 136 -11.95 0.69 -12.22
C THR A 136 -11.09 -0.45 -11.76
N ARG A 137 -11.17 -1.54 -12.50
CA ARG A 137 -10.47 -2.76 -12.14
CA ARG A 137 -10.47 -2.77 -12.13
C ARG A 137 -9.63 -3.36 -13.22
N TYR A 138 -8.60 -4.15 -12.81
CA TYR A 138 -7.74 -4.91 -13.74
C TYR A 138 -7.56 -6.25 -13.02
N SER A 139 -7.88 -7.38 -13.68
CA SER A 139 -7.70 -8.69 -13.04
C SER A 139 -6.71 -9.54 -13.84
N LYS A 140 -5.89 -10.31 -13.15
CA LYS A 140 -4.94 -11.19 -13.82
C LYS A 140 -4.69 -12.39 -12.93
N LYS A 141 -4.28 -13.50 -13.54
CA LYS A 141 -3.95 -14.69 -12.78
C LYS A 141 -2.48 -14.61 -12.40
N GLY A 142 -2.16 -14.86 -11.12
CA GLY A 142 -0.78 -14.84 -10.70
C GLY A 142 -0.57 -15.20 -9.27
N GLU A 143 0.59 -14.78 -8.76
CA GLU A 143 0.99 -14.91 -7.38
C GLU A 143 2.04 -13.82 -7.09
N TYR A 144 2.20 -13.43 -5.83
CA TYR A 144 3.27 -12.53 -5.45
C TYR A 144 3.94 -12.92 -4.14
N ARG A 145 3.38 -13.89 -3.37
CA ARG A 145 3.95 -14.24 -2.07
C ARG A 145 5.12 -15.21 -2.20
N THR A 146 6.21 -14.92 -1.52
CA THR A 146 7.40 -15.79 -1.55
C THR A 146 7.65 -16.49 -0.21
N HIS A 147 6.84 -16.22 0.82
CA HIS A 147 6.94 -16.84 2.14
C HIS A 147 5.72 -17.75 2.32
N GLN A 148 5.91 -18.99 2.78
CA GLN A 148 4.78 -19.95 2.91
C GLN A 148 3.81 -19.59 4.02
N GLU A 149 4.31 -19.03 5.12
CA GLU A 149 3.48 -18.65 6.28
C GLU A 149 2.36 -17.67 5.90
N ASP A 150 2.56 -16.91 4.80
CA ASP A 150 1.61 -15.94 4.28
C ASP A 150 0.61 -16.56 3.27
N ILE A 151 0.64 -17.89 3.02
CA ILE A 151 -0.27 -18.50 2.05
C ILE A 151 -1.25 -19.47 2.68
#